data_4GVZ
#
_entry.id   4GVZ
#
_cell.length_a   64.109
_cell.length_b   65.382
_cell.length_c   85.912
_cell.angle_alpha   90.00
_cell.angle_beta   90.00
_cell.angle_gamma   90.00
#
_symmetry.space_group_name_H-M   'P 21 21 21'
#
loop_
_entity.id
_entity.type
_entity.pdbx_description
1 polymer 'Arginine kinase'
2 non-polymer "ADENOSINE-5'-DIPHOSPHATE"
3 non-polymer 'MAGNESIUM ION'
4 non-polymer 'NITRATE ION'
5 non-polymer D-ARGININE
6 water water
#
_entity_poly.entity_id   1
_entity_poly.type   'polypeptide(L)'
_entity_poly.pdbx_seq_one_letter_code
;MVDQATLDKLEAGFKKLQEASDCKSLLKKHLTKDVFDSIKNKKTGMGATLLDVIQSGVENLDSGVGIYAPDAESYRTFGP
LFDPIIDDYHGGFKLTDKHPPKQWGDINTLVGLDPAGQFIISTRVRCGRSLQGYPFNPCLTAEQYKEMEEKVSSTLSSME
DELKGTYYPLTGMSKATQQQLIDDHFLFKEGDRFLQTANACRYWPTGRGIFHNDAKTFLVWVNEEDHLRIISMQKGGDLK
TVYKRLVTAVDNIESKLPFSHDDRFGFLTFCPTNLGTTMRASVHIQLPKLAKDRKVLEDIASKFNLQVRGTRGEHTESEG
GVYDISNKRRLGLTEYQAVREMQDGILEMIKMEKAAA
;
_entity_poly.pdbx_strand_id   A
#
loop_
_chem_comp.id
_chem_comp.type
_chem_comp.name
_chem_comp.formula
ADP non-polymer ADENOSINE-5'-DIPHOSPHATE 'C10 H15 N5 O10 P2'
MG non-polymer 'MAGNESIUM ION' 'Mg 2'
NO3 non-polymer 'NITRATE ION' 'N O3 -1'
#
# COMPACT_ATOMS: atom_id res chain seq x y z
N VAL A 2 -10.24 23.82 15.44
CA VAL A 2 -11.28 23.09 14.74
C VAL A 2 -12.62 23.82 14.85
N ASP A 3 -13.12 24.30 13.72
CA ASP A 3 -14.37 25.05 13.69
C ASP A 3 -15.57 24.17 13.99
N GLN A 4 -16.65 24.79 14.46
CA GLN A 4 -17.86 24.08 14.85
C GLN A 4 -18.41 23.19 13.74
N ALA A 5 -18.30 23.65 12.50
CA ALA A 5 -18.84 22.92 11.37
C ALA A 5 -18.17 21.55 11.25
N THR A 6 -16.88 21.51 11.54
CA THR A 6 -16.10 20.28 11.48
C THR A 6 -16.46 19.36 12.66
N LEU A 7 -16.68 19.96 13.82
CA LEU A 7 -17.06 19.20 15.00
C LEU A 7 -18.41 18.51 14.82
N ASP A 8 -19.37 19.24 14.28
CA ASP A 8 -20.69 18.69 13.96
C ASP A 8 -20.56 17.46 13.06
N LYS A 9 -19.82 17.61 11.96
CA LYS A 9 -19.60 16.49 11.04
C LYS A 9 -18.87 15.33 11.71
N LEU A 10 -17.94 15.63 12.60
CA LEU A 10 -17.23 14.59 13.33
C LEU A 10 -18.19 13.84 14.25
N GLU A 11 -18.96 14.60 15.02
CA GLU A 11 -19.95 14.02 15.92
C GLU A 11 -20.94 13.16 15.15
N ALA A 12 -21.33 13.65 13.97
CA ALA A 12 -22.25 12.94 13.09
C ALA A 12 -21.61 11.71 12.46
N GLY A 13 -20.33 11.82 12.11
CA GLY A 13 -19.61 10.70 11.55
C GLY A 13 -19.41 9.59 12.56
N PHE A 14 -19.08 9.97 13.78
CA PHE A 14 -18.87 9.02 14.86
C PHE A 14 -20.14 8.21 15.09
N LYS A 15 -21.27 8.92 15.12
CA LYS A 15 -22.59 8.29 15.28
C LYS A 15 -22.88 7.25 14.21
N LYS A 16 -22.59 7.60 12.97
CA LYS A 16 -22.81 6.70 11.83
C LYS A 16 -22.00 5.41 12.01
N LEU A 17 -20.77 5.56 12.49
CA LEU A 17 -19.90 4.42 12.74
C LEU A 17 -20.46 3.53 13.83
N GLN A 18 -20.99 4.15 14.89
CA GLN A 18 -21.56 3.40 16.01
C GLN A 18 -22.77 2.59 15.56
N GLU A 19 -23.56 3.17 14.66
CA GLU A 19 -24.80 2.54 14.20
C GLU A 19 -24.58 1.38 13.24
N ALA A 20 -23.43 1.35 12.58
CA ALA A 20 -23.17 0.35 11.56
C ALA A 20 -22.79 -0.98 12.22
N SER A 21 -23.81 -1.74 12.60
CA SER A 21 -23.62 -2.94 13.40
C SER A 21 -22.77 -4.00 12.70
N ASP A 22 -22.80 -4.00 11.38
CA ASP A 22 -22.05 -5.01 10.63
C ASP A 22 -20.82 -4.41 9.95
N CYS A 23 -20.45 -3.19 10.32
CA CYS A 23 -19.23 -2.59 9.81
C CYS A 23 -18.04 -3.26 10.47
N LYS A 24 -17.03 -3.60 9.68
CA LYS A 24 -15.91 -4.39 10.19
C LYS A 24 -14.58 -3.66 10.05
N SER A 25 -14.63 -2.34 9.86
CA SER A 25 -13.42 -1.56 9.69
C SER A 25 -12.63 -1.43 10.99
N LEU A 26 -11.32 -1.26 10.88
CA LEU A 26 -10.48 -0.97 12.03
C LEU A 26 -10.81 0.40 12.61
N LEU A 27 -11.28 1.30 11.75
CA LEU A 27 -11.75 2.60 12.19
C LEU A 27 -12.87 2.47 13.22
N LYS A 28 -13.90 1.71 12.87
CA LYS A 28 -15.02 1.51 13.79
C LYS A 28 -14.58 0.80 15.07
N LYS A 29 -13.74 -0.22 14.91
CA LYS A 29 -13.31 -1.02 16.05
C LYS A 29 -12.53 -0.19 17.06
N HIS A 30 -11.71 0.73 16.56
CA HIS A 30 -10.74 1.40 17.41
C HIS A 30 -11.10 2.84 17.74
N LEU A 31 -12.02 3.44 16.99
CA LEU A 31 -12.47 4.78 17.32
C LEU A 31 -13.57 4.68 18.36
N THR A 32 -13.19 4.42 19.60
CA THR A 32 -14.11 4.40 20.73
C THR A 32 -14.46 5.81 21.19
N LYS A 33 -15.54 5.90 21.97
CA LYS A 33 -15.95 7.17 22.58
C LYS A 33 -14.81 7.81 23.35
N ASP A 34 -14.08 6.98 24.11
CA ASP A 34 -12.95 7.47 24.90
C ASP A 34 -11.88 8.08 24.01
N VAL A 35 -11.46 7.33 23.00
CA VAL A 35 -10.45 7.77 22.04
C VAL A 35 -10.87 9.04 21.29
N PHE A 36 -12.09 9.01 20.77
CA PHE A 36 -12.68 10.11 20.01
C PHE A 36 -12.63 11.46 20.72
N ASP A 37 -13.10 11.51 21.97
CA ASP A 37 -13.14 12.76 22.71
C ASP A 37 -11.76 13.37 22.95
N SER A 38 -10.75 12.52 23.08
CA SER A 38 -9.39 12.97 23.38
C SER A 38 -8.69 13.72 22.25
N ILE A 39 -9.09 13.46 21.01
CA ILE A 39 -8.35 14.00 19.86
C ILE A 39 -9.19 14.76 18.83
N LYS A 40 -10.50 14.81 19.04
CA LYS A 40 -11.39 15.40 18.05
C LYS A 40 -11.24 16.92 17.92
N ASN A 41 -10.65 17.56 18.93
CA ASN A 41 -10.45 19.00 18.90
C ASN A 41 -9.04 19.41 18.47
N LYS A 42 -8.23 18.44 18.04
CA LYS A 42 -6.85 18.74 17.67
C LYS A 42 -6.68 19.04 16.19
N LYS A 43 -5.63 19.77 15.85
CA LYS A 43 -5.35 20.17 14.48
C LYS A 43 -3.85 20.26 14.26
N THR A 44 -3.40 19.84 13.08
CA THR A 44 -1.98 19.90 12.74
C THR A 44 -1.55 21.28 12.28
N GLY A 45 -0.24 21.46 12.08
CA GLY A 45 0.29 22.71 11.58
C GLY A 45 -0.18 23.06 10.19
N MET A 46 -0.56 22.04 9.42
CA MET A 46 -1.05 22.25 8.06
C MET A 46 -2.58 22.35 8.02
N GLY A 47 -3.19 22.23 9.20
CA GLY A 47 -4.63 22.39 9.34
C GLY A 47 -5.42 21.11 9.19
N ALA A 48 -4.74 19.98 9.20
CA ALA A 48 -5.42 18.69 9.12
C ALA A 48 -6.16 18.40 10.43
N THR A 49 -7.40 17.96 10.32
CA THR A 49 -8.21 17.63 11.48
C THR A 49 -8.51 16.13 11.51
N LEU A 50 -9.20 15.69 12.57
CA LEU A 50 -9.61 14.31 12.67
C LEU A 50 -10.54 13.91 11.53
N LEU A 51 -11.31 14.87 11.04
CA LEU A 51 -12.21 14.63 9.92
C LEU A 51 -11.43 14.19 8.69
N ASP A 52 -10.32 14.86 8.42
CA ASP A 52 -9.46 14.52 7.30
C ASP A 52 -8.95 13.09 7.47
N VAL A 53 -8.63 12.72 8.71
CA VAL A 53 -8.11 11.39 9.01
C VAL A 53 -9.13 10.28 8.78
N ILE A 54 -10.35 10.49 9.26
CA ILE A 54 -11.35 9.42 9.32
C ILE A 54 -12.41 9.48 8.21
N GLN A 55 -12.42 10.57 7.46
CA GLN A 55 -13.52 10.84 6.53
C GLN A 55 -13.75 9.73 5.51
N SER A 56 -12.66 9.10 5.06
CA SER A 56 -12.76 8.06 4.03
C SER A 56 -13.49 6.85 4.59
N GLY A 57 -13.24 6.57 5.86
CA GLY A 57 -13.86 5.43 6.53
C GLY A 57 -15.30 5.67 6.92
N VAL A 58 -15.66 6.92 7.15
CA VAL A 58 -17.03 7.28 7.46
C VAL A 58 -17.93 7.11 6.24
N GLU A 59 -17.44 7.54 5.09
CA GLU A 59 -18.24 7.53 3.87
C GLU A 59 -18.24 6.14 3.25
N ASN A 60 -17.13 5.43 3.41
CA ASN A 60 -17.00 4.08 2.87
C ASN A 60 -16.98 3.06 3.99
N LEU A 61 -18.17 2.62 4.40
CA LEU A 61 -18.32 1.72 5.54
C LEU A 61 -17.78 0.30 5.30
N ASP A 62 -17.53 -0.03 4.04
CA ASP A 62 -16.95 -1.33 3.71
C ASP A 62 -15.43 -1.35 3.84
N SER A 63 -14.86 -0.21 4.25
CA SER A 63 -13.43 -0.10 4.48
C SER A 63 -12.91 -1.21 5.41
N GLY A 64 -11.70 -1.68 5.16
CA GLY A 64 -11.01 -2.56 6.09
C GLY A 64 -10.29 -1.77 7.17
N VAL A 65 -9.82 -0.57 6.82
CA VAL A 65 -9.05 0.24 7.75
C VAL A 65 -9.77 1.56 8.03
N GLY A 66 -9.90 2.39 7.00
CA GLY A 66 -10.78 3.55 7.07
C GLY A 66 -10.13 4.89 7.38
N ILE A 67 -8.82 4.92 7.55
CA ILE A 67 -8.14 6.17 7.87
C ILE A 67 -6.90 6.43 7.03
N TYR A 68 -6.55 7.71 6.92
CA TYR A 68 -5.32 8.12 6.24
C TYR A 68 -4.69 9.29 6.99
N ALA A 69 -3.41 9.50 6.76
CA ALA A 69 -2.69 10.63 7.34
C ALA A 69 -2.58 11.73 6.28
N PRO A 70 -3.18 12.89 6.54
CA PRO A 70 -3.07 14.02 5.60
C PRO A 70 -1.65 14.58 5.52
N ASP A 71 -0.93 14.50 6.65
CA ASP A 71 0.47 14.91 6.71
C ASP A 71 1.20 14.02 7.71
N ALA A 72 2.53 14.16 7.78
CA ALA A 72 3.33 13.30 8.65
C ALA A 72 2.95 13.53 10.12
N GLU A 73 2.69 14.79 10.46
CA GLU A 73 2.36 15.16 11.83
C GLU A 73 1.13 14.43 12.35
N SER A 74 0.16 14.20 11.46
CA SER A 74 -1.09 13.54 11.82
C SER A 74 -0.90 12.22 12.57
N TYR A 75 0.14 11.47 12.22
CA TYR A 75 0.36 10.18 12.86
C TYR A 75 0.53 10.30 14.37
N ARG A 76 1.02 11.45 14.83
CA ARG A 76 1.16 11.70 16.26
C ARG A 76 0.07 12.59 16.86
N THR A 77 -0.31 13.65 16.15
CA THR A 77 -1.39 14.51 16.61
C THR A 77 -2.62 13.67 16.89
N PHE A 78 -2.90 12.73 15.99
CA PHE A 78 -4.02 11.82 16.13
C PHE A 78 -3.51 10.42 16.45
N GLY A 79 -2.36 10.38 17.13
CA GLY A 79 -1.75 9.13 17.56
C GLY A 79 -2.67 8.13 18.24
N PRO A 80 -3.51 8.61 19.17
CA PRO A 80 -4.40 7.73 19.93
C PRO A 80 -5.34 6.90 19.05
N LEU A 81 -5.55 7.34 17.82
CA LEU A 81 -6.32 6.55 16.87
C LEU A 81 -5.42 5.72 15.97
N PHE A 82 -4.36 6.34 15.46
CA PHE A 82 -3.42 5.66 14.58
C PHE A 82 -2.74 4.48 15.27
N ASP A 83 -2.32 4.70 16.52
CA ASP A 83 -1.51 3.73 17.24
C ASP A 83 -2.19 2.37 17.39
N PRO A 84 -3.46 2.36 17.84
CA PRO A 84 -4.14 1.07 18.02
C PRO A 84 -4.49 0.39 16.71
N ILE A 85 -4.79 1.19 15.69
CA ILE A 85 -5.12 0.67 14.37
C ILE A 85 -3.89 0.07 13.72
N ILE A 86 -2.76 0.74 13.88
CA ILE A 86 -1.49 0.26 13.37
C ILE A 86 -1.09 -1.04 14.06
N ASP A 87 -1.25 -1.07 15.38
CA ASP A 87 -0.94 -2.25 16.18
C ASP A 87 -1.75 -3.45 15.74
N ASP A 88 -3.03 -3.22 15.47
CA ASP A 88 -3.93 -4.29 15.07
C ASP A 88 -3.58 -4.84 13.70
N TYR A 89 -3.48 -3.95 12.71
CA TYR A 89 -3.26 -4.37 11.33
C TYR A 89 -1.93 -5.11 11.16
N HIS A 90 -0.86 -4.55 11.73
CA HIS A 90 0.47 -5.06 11.46
C HIS A 90 0.84 -6.24 12.36
N GLY A 91 -0.14 -6.74 13.11
CA GLY A 91 0.07 -7.96 13.87
C GLY A 91 0.95 -7.77 15.08
N GLY A 92 0.90 -6.59 15.69
CA GLY A 92 1.63 -6.34 16.91
C GLY A 92 2.63 -5.22 16.77
N PHE A 93 2.36 -4.09 17.43
CA PHE A 93 3.27 -2.95 17.41
C PHE A 93 2.97 -2.05 18.61
N LYS A 94 3.75 -2.21 19.67
CA LYS A 94 3.51 -1.53 20.93
C LYS A 94 3.96 -0.08 20.88
N LEU A 95 3.52 0.70 21.86
CA LEU A 95 3.85 2.12 21.93
C LEU A 95 5.36 2.24 22.00
N THR A 96 5.97 1.26 22.67
CA THR A 96 7.39 1.29 22.94
C THR A 96 8.17 0.60 21.83
N ASP A 97 7.46 0.07 20.84
CA ASP A 97 8.14 -0.60 19.75
C ASP A 97 8.60 0.46 18.75
N LYS A 98 9.67 0.14 18.04
CA LYS A 98 10.15 0.98 16.96
C LYS A 98 10.47 0.08 15.78
N HIS A 99 10.10 0.51 14.58
CA HIS A 99 10.40 -0.28 13.39
C HIS A 99 11.91 -0.43 13.29
N PRO A 100 12.37 -1.64 12.92
CA PRO A 100 13.80 -1.96 12.85
C PRO A 100 14.46 -1.27 11.66
N PRO A 101 15.79 -1.17 11.69
CA PRO A 101 16.52 -0.59 10.55
C PRO A 101 16.29 -1.37 9.26
N LYS A 102 16.35 -0.65 8.14
CA LYS A 102 16.19 -1.25 6.82
C LYS A 102 17.16 -2.41 6.65
N GLN A 103 16.64 -3.55 6.18
CA GLN A 103 17.46 -4.75 6.02
C GLN A 103 16.87 -5.68 4.97
N TRP A 104 17.44 -5.66 3.78
CA TRP A 104 16.91 -6.48 2.69
C TRP A 104 17.19 -7.95 2.99
N GLY A 105 18.24 -8.21 3.76
CA GLY A 105 18.63 -9.56 4.10
C GLY A 105 19.44 -10.25 3.03
N ASP A 106 19.65 -11.54 3.19
CA ASP A 106 20.43 -12.32 2.24
C ASP A 106 19.48 -12.88 1.19
N ILE A 107 19.48 -12.27 0.00
CA ILE A 107 18.54 -12.61 -1.07
C ILE A 107 18.75 -14.04 -1.58
N ASN A 108 19.98 -14.54 -1.46
CA ASN A 108 20.33 -15.89 -1.90
C ASN A 108 19.73 -16.99 -1.02
N THR A 109 19.09 -16.61 0.07
CA THR A 109 18.41 -17.56 0.96
C THR A 109 16.97 -17.86 0.54
N LEU A 110 16.51 -17.15 -0.49
CA LEU A 110 15.19 -17.35 -1.07
C LEU A 110 15.21 -18.56 -2.00
N VAL A 111 14.08 -19.25 -2.12
CA VAL A 111 14.03 -20.49 -2.88
C VAL A 111 13.03 -20.42 -4.04
N GLY A 112 13.01 -21.43 -4.90
CA GLY A 112 11.98 -21.54 -5.91
C GLY A 112 10.60 -21.95 -5.42
N LEU A 113 9.61 -21.10 -5.68
CA LEU A 113 8.30 -21.25 -5.07
C LEU A 113 7.43 -22.27 -5.81
N ASP A 114 7.74 -22.50 -7.09
CA ASP A 114 6.90 -23.38 -7.92
C ASP A 114 7.63 -23.87 -9.18
N PRO A 115 8.61 -24.78 -9.03
CA PRO A 115 9.45 -25.17 -10.16
C PRO A 115 8.66 -25.70 -11.36
N ALA A 116 7.60 -26.46 -11.09
CA ALA A 116 6.79 -27.05 -12.15
C ALA A 116 5.84 -26.07 -12.83
N GLY A 117 5.70 -24.87 -12.27
CA GLY A 117 4.95 -23.83 -12.95
C GLY A 117 3.45 -24.05 -12.93
N GLN A 118 2.97 -24.90 -12.03
CA GLN A 118 1.56 -25.27 -12.00
C GLN A 118 0.67 -24.42 -11.08
N PHE A 119 1.28 -23.59 -10.23
CA PHE A 119 0.49 -22.79 -9.31
C PHE A 119 0.64 -21.28 -9.51
N ILE A 120 1.88 -20.80 -9.60
CA ILE A 120 2.13 -19.36 -9.65
C ILE A 120 2.12 -18.82 -11.08
N ILE A 121 1.37 -17.74 -11.29
CA ILE A 121 1.30 -17.09 -12.61
C ILE A 121 2.35 -15.98 -12.76
N SER A 122 2.48 -15.15 -11.74
CA SER A 122 3.39 -13.99 -11.79
C SER A 122 3.73 -13.51 -10.39
N THR A 123 4.85 -12.81 -10.27
CA THR A 123 5.33 -12.35 -8.97
C THR A 123 5.65 -10.86 -9.01
N ARG A 124 5.35 -10.17 -7.91
CA ARG A 124 5.47 -8.72 -7.83
C ARG A 124 5.88 -8.33 -6.42
N VAL A 125 6.82 -7.39 -6.31
CA VAL A 125 7.13 -6.75 -5.03
C VAL A 125 7.18 -5.24 -5.16
N ARG A 126 6.47 -4.54 -4.30
CA ARG A 126 6.51 -3.07 -4.32
C ARG A 126 6.89 -2.44 -2.98
N CYS A 127 7.44 -1.24 -3.05
CA CYS A 127 7.60 -0.39 -1.88
C CYS A 127 7.06 1.00 -2.18
N GLY A 128 6.89 1.80 -1.13
CA GLY A 128 6.44 3.18 -1.29
C GLY A 128 7.37 4.14 -0.59
N ARG A 129 7.40 5.38 -1.06
CA ARG A 129 8.25 6.41 -0.45
C ARG A 129 7.58 7.78 -0.54
N SER A 130 7.87 8.63 0.44
CA SER A 130 7.39 10.00 0.45
C SER A 130 8.56 10.98 0.40
N LEU A 131 8.41 12.05 -0.37
CA LEU A 131 9.47 13.05 -0.52
C LEU A 131 9.49 13.98 0.69
N GLN A 132 10.69 14.23 1.23
CA GLN A 132 10.86 15.18 2.31
C GLN A 132 10.42 16.57 1.87
N GLY A 133 9.63 17.23 2.71
CA GLY A 133 9.18 18.58 2.44
C GLY A 133 7.83 18.64 1.76
N TYR A 134 7.28 17.48 1.43
CA TYR A 134 5.97 17.43 0.80
C TYR A 134 4.99 16.68 1.69
N PRO A 135 3.79 17.26 1.88
CA PRO A 135 2.75 16.57 2.64
C PRO A 135 2.08 15.50 1.79
N PHE A 136 1.16 14.75 2.39
CA PHE A 136 0.42 13.73 1.66
C PHE A 136 -0.67 14.34 0.79
N ASN A 137 -1.27 13.51 -0.05
CA ASN A 137 -2.19 13.95 -1.10
C ASN A 137 -3.14 15.09 -0.71
N PRO A 138 -3.84 14.96 0.43
CA PRO A 138 -4.89 15.93 0.75
C PRO A 138 -4.38 17.34 1.02
N CYS A 139 -3.09 17.49 1.26
CA CYS A 139 -2.52 18.81 1.55
C CYS A 139 -1.74 19.40 0.40
N LEU A 140 -1.64 18.67 -0.71
CA LEU A 140 -0.89 19.16 -1.86
C LEU A 140 -1.71 20.09 -2.74
N THR A 141 -1.03 21.09 -3.32
CA THR A 141 -1.63 21.92 -4.36
C THR A 141 -1.28 21.34 -5.73
N ALA A 142 -1.95 21.83 -6.76
CA ALA A 142 -1.66 21.43 -8.13
C ALA A 142 -0.19 21.69 -8.45
N GLU A 143 0.28 22.87 -8.06
CA GLU A 143 1.65 23.27 -8.33
C GLU A 143 2.64 22.30 -7.68
N GLN A 144 2.32 21.86 -6.47
CA GLN A 144 3.17 20.91 -5.77
C GLN A 144 3.23 19.55 -6.48
N TYR A 145 2.08 19.08 -6.97
CA TYR A 145 2.07 17.85 -7.76
C TYR A 145 3.05 17.89 -8.94
N LYS A 146 3.09 19.00 -9.66
CA LYS A 146 3.97 19.12 -10.82
C LYS A 146 5.45 19.15 -10.45
N GLU A 147 5.81 19.82 -9.35
CA GLU A 147 7.20 19.87 -8.95
C GLU A 147 7.65 18.45 -8.63
N MET A 148 6.83 17.74 -7.88
CA MET A 148 7.15 16.37 -7.47
C MET A 148 7.26 15.50 -8.71
N GLU A 149 6.30 15.65 -9.62
CA GLU A 149 6.33 14.92 -10.87
C GLU A 149 7.63 15.21 -11.60
N GLU A 150 8.01 16.49 -11.65
CA GLU A 150 9.24 16.90 -12.32
C GLU A 150 10.49 16.29 -11.68
N LYS A 151 10.60 16.42 -10.36
CA LYS A 151 11.78 15.94 -9.64
C LYS A 151 11.94 14.43 -9.82
N VAL A 152 10.84 13.71 -9.66
CA VAL A 152 10.88 12.25 -9.74
C VAL A 152 11.17 11.78 -11.15
N SER A 153 10.48 12.39 -12.12
CA SER A 153 10.68 12.00 -13.52
C SER A 153 12.11 12.32 -13.95
N SER A 154 12.61 13.47 -13.51
CA SER A 154 13.98 13.86 -13.82
C SER A 154 14.98 12.89 -13.20
N THR A 155 14.70 12.48 -11.97
CA THR A 155 15.56 11.52 -11.27
C THR A 155 15.62 10.17 -11.98
N LEU A 156 14.46 9.69 -12.42
CA LEU A 156 14.36 8.35 -13.01
C LEU A 156 14.94 8.28 -14.42
N SER A 157 15.10 9.43 -15.05
CA SER A 157 15.79 9.51 -16.34
C SER A 157 17.26 9.13 -16.20
N SER A 158 17.74 9.10 -14.96
CA SER A 158 19.13 8.80 -14.67
C SER A 158 19.34 7.31 -14.36
N MET A 159 18.25 6.55 -14.38
CA MET A 159 18.33 5.12 -14.12
C MET A 159 19.10 4.50 -15.27
N GLU A 160 19.85 3.44 -14.99
CA GLU A 160 20.74 2.88 -15.98
C GLU A 160 20.48 1.39 -16.16
N ASP A 161 21.04 0.84 -17.24
CA ASP A 161 20.99 -0.60 -17.48
C ASP A 161 19.55 -1.13 -17.52
N GLU A 162 19.31 -2.18 -16.75
CA GLU A 162 17.99 -2.81 -16.71
C GLU A 162 16.91 -1.81 -16.30
N LEU A 163 17.30 -0.83 -15.49
CA LEU A 163 16.32 0.06 -14.87
C LEU A 163 16.04 1.28 -15.74
N LYS A 164 16.87 1.47 -16.77
CA LYS A 164 16.66 2.56 -17.71
C LYS A 164 15.25 2.48 -18.29
N GLY A 165 14.60 3.62 -18.45
CA GLY A 165 13.22 3.63 -18.92
C GLY A 165 12.69 5.00 -19.29
N THR A 166 11.37 5.07 -19.44
CA THR A 166 10.71 6.29 -19.91
C THR A 166 9.56 6.64 -18.97
N TYR A 167 9.37 7.93 -18.72
CA TYR A 167 8.21 8.38 -17.95
C TYR A 167 7.02 8.67 -18.86
N TYR A 168 5.88 8.10 -18.49
CA TYR A 168 4.64 8.32 -19.22
C TYR A 168 3.62 8.98 -18.31
N PRO A 169 3.37 10.28 -18.53
CA PRO A 169 2.35 10.97 -17.73
C PRO A 169 0.99 10.36 -18.01
N LEU A 170 0.11 10.40 -17.02
CA LEU A 170 -1.26 9.95 -17.24
C LEU A 170 -1.96 10.97 -18.11
N THR A 171 -1.58 12.23 -17.95
CA THR A 171 -2.05 13.29 -18.83
C THR A 171 -1.46 13.07 -20.22
N GLY A 172 -2.35 12.96 -21.20
CA GLY A 172 -1.97 12.72 -22.59
C GLY A 172 -2.00 11.26 -22.95
N MET A 173 -2.08 10.39 -21.95
CA MET A 173 -2.14 8.96 -22.21
C MET A 173 -3.53 8.68 -22.77
N SER A 174 -3.61 7.90 -23.84
CA SER A 174 -4.90 7.59 -24.46
C SER A 174 -5.76 6.71 -23.55
N LYS A 175 -7.07 6.80 -23.69
CA LYS A 175 -7.96 5.97 -22.90
C LYS A 175 -7.65 4.51 -23.19
N ALA A 176 -7.38 4.21 -24.44
CA ALA A 176 -7.07 2.84 -24.87
C ALA A 176 -5.77 2.37 -24.21
N THR A 177 -4.79 3.27 -24.17
CA THR A 177 -3.49 2.97 -23.58
C THR A 177 -3.57 2.79 -22.07
N GLN A 178 -4.29 3.67 -21.39
CA GLN A 178 -4.47 3.58 -19.94
C GLN A 178 -5.08 2.24 -19.52
N GLN A 179 -6.19 1.89 -20.15
CA GLN A 179 -6.87 0.62 -19.86
C GLN A 179 -6.02 -0.63 -20.11
N GLN A 180 -5.20 -0.59 -21.15
CA GLN A 180 -4.32 -1.70 -21.46
C GLN A 180 -3.25 -1.87 -20.39
N LEU A 181 -2.69 -0.76 -19.94
CA LEU A 181 -1.67 -0.78 -18.90
C LEU A 181 -2.24 -1.28 -17.57
N ILE A 182 -3.51 -0.96 -17.32
CA ILE A 182 -4.19 -1.40 -16.11
C ILE A 182 -4.57 -2.87 -16.18
N ASP A 183 -5.11 -3.26 -17.33
CA ASP A 183 -5.50 -4.65 -17.57
C ASP A 183 -4.29 -5.56 -17.43
N ASP A 184 -3.13 -5.06 -17.84
CA ASP A 184 -1.89 -5.84 -17.77
C ASP A 184 -1.25 -5.75 -16.39
N HIS A 185 -1.94 -5.08 -15.46
CA HIS A 185 -1.53 -5.09 -14.05
C HIS A 185 -0.32 -4.19 -13.79
N PHE A 186 -0.05 -3.26 -14.71
CA PHE A 186 1.11 -2.38 -14.57
C PHE A 186 0.77 -1.02 -13.97
N LEU A 187 -0.32 -0.41 -14.42
CA LEU A 187 -0.63 0.96 -14.02
C LEU A 187 -1.71 0.94 -12.94
N PHE A 188 -1.62 1.88 -12.00
CA PHE A 188 -2.63 1.99 -10.96
C PHE A 188 -3.99 2.28 -11.59
N LYS A 189 -5.05 1.77 -10.99
CA LYS A 189 -6.41 2.03 -11.49
C LYS A 189 -6.83 3.47 -11.23
N GLU A 190 -7.80 3.93 -12.01
CA GLU A 190 -8.40 5.24 -11.85
C GLU A 190 -9.72 5.16 -11.08
N GLY A 191 -9.94 6.13 -10.20
CA GLY A 191 -11.21 6.29 -9.53
C GLY A 191 -11.43 5.36 -8.35
N ASP A 192 -10.54 5.43 -7.35
CA ASP A 192 -10.69 4.62 -6.16
C ASP A 192 -11.49 5.45 -5.15
N ARG A 193 -12.66 4.93 -4.78
CA ARG A 193 -13.58 5.67 -3.93
C ARG A 193 -13.03 5.97 -2.55
N PHE A 194 -12.17 5.08 -2.05
CA PHE A 194 -11.58 5.27 -0.73
C PHE A 194 -10.57 6.41 -0.75
N LEU A 195 -9.78 6.49 -1.81
CA LEU A 195 -8.80 7.56 -1.96
C LEU A 195 -9.47 8.90 -2.26
N GLN A 196 -10.50 8.87 -3.11
CA GLN A 196 -11.18 10.10 -3.51
C GLN A 196 -11.72 10.82 -2.27
N THR A 197 -12.41 10.07 -1.42
CA THR A 197 -13.06 10.65 -0.25
C THR A 197 -12.04 11.08 0.80
N ALA A 198 -10.81 10.61 0.64
CA ALA A 198 -9.69 11.06 1.46
C ALA A 198 -9.09 12.34 0.87
N ASN A 199 -9.75 12.86 -0.15
CA ASN A 199 -9.24 14.00 -0.91
C ASN A 199 -7.82 13.73 -1.39
N ALA A 200 -7.59 12.52 -1.87
CA ALA A 200 -6.28 12.12 -2.37
C ALA A 200 -6.17 12.22 -3.89
N CYS A 201 -7.27 12.57 -4.55
CA CYS A 201 -7.31 12.54 -6.01
C CYS A 201 -7.58 13.90 -6.64
N ARG A 202 -7.31 14.97 -5.91
CA ARG A 202 -7.56 16.31 -6.45
C ARG A 202 -6.70 16.56 -7.67
N TYR A 203 -7.23 17.32 -8.62
CA TYR A 203 -6.46 17.76 -9.78
C TYR A 203 -6.12 16.61 -10.74
N TRP A 204 -6.73 15.45 -10.50
CA TRP A 204 -6.46 14.27 -11.31
C TRP A 204 -6.69 14.63 -12.78
N PRO A 205 -5.80 14.20 -13.68
CA PRO A 205 -4.63 13.36 -13.45
C PRO A 205 -3.33 14.17 -13.31
N THR A 206 -3.44 15.46 -13.04
CA THR A 206 -2.28 16.34 -12.97
C THR A 206 -1.23 15.83 -11.98
N GLY A 207 0.00 15.71 -12.46
CA GLY A 207 1.10 15.23 -11.63
C GLY A 207 1.19 13.71 -11.54
N ARG A 208 0.22 13.01 -12.13
CA ARG A 208 0.20 11.57 -12.04
C ARG A 208 0.84 10.98 -13.29
N GLY A 209 1.45 9.82 -13.14
CA GLY A 209 2.03 9.12 -14.29
C GLY A 209 2.75 7.86 -13.87
N ILE A 210 3.43 7.22 -14.82
CA ILE A 210 4.15 5.99 -14.54
C ILE A 210 5.47 5.97 -15.30
N PHE A 211 6.53 5.61 -14.59
CA PHE A 211 7.81 5.31 -15.22
C PHE A 211 7.98 3.80 -15.30
N HIS A 212 8.49 3.31 -16.43
CA HIS A 212 8.85 1.91 -16.55
C HIS A 212 9.92 1.64 -17.61
N ASN A 213 10.69 0.58 -17.40
CA ASN A 213 11.59 0.08 -18.44
C ASN A 213 10.79 -0.61 -19.55
N ASP A 214 11.44 -0.87 -20.68
CA ASP A 214 10.72 -1.36 -21.86
C ASP A 214 10.08 -2.72 -21.61
N ALA A 215 10.72 -3.56 -20.81
CA ALA A 215 10.19 -4.87 -20.51
C ALA A 215 9.06 -4.79 -19.48
N LYS A 216 8.94 -3.65 -18.82
CA LYS A 216 7.90 -3.46 -17.80
C LYS A 216 8.09 -4.43 -16.63
N THR A 217 9.34 -4.62 -16.23
CA THR A 217 9.66 -5.37 -15.02
C THR A 217 10.03 -4.42 -13.88
N PHE A 218 10.30 -3.17 -14.22
CA PHE A 218 10.59 -2.15 -13.23
C PHE A 218 9.71 -0.93 -13.50
N LEU A 219 8.91 -0.56 -12.51
CA LEU A 219 7.96 0.52 -12.67
C LEU A 219 7.95 1.43 -11.45
N VAL A 220 7.60 2.70 -11.68
CA VAL A 220 7.38 3.64 -10.59
C VAL A 220 6.08 4.40 -10.85
N TRP A 221 5.16 4.34 -9.89
CA TRP A 221 3.96 5.15 -9.95
C TRP A 221 4.26 6.49 -9.31
N VAL A 222 3.85 7.56 -10.00
CA VAL A 222 4.06 8.91 -9.48
C VAL A 222 2.74 9.55 -9.09
N ASN A 223 2.63 9.94 -7.83
CA ASN A 223 1.52 10.77 -7.35
C ASN A 223 0.15 10.10 -7.41
N GLU A 224 0.12 8.78 -7.20
CA GLU A 224 -1.12 8.09 -6.91
C GLU A 224 -1.38 8.16 -5.41
N GLU A 225 -1.47 7.01 -4.75
CA GLU A 225 -1.73 7.01 -3.31
C GLU A 225 -0.54 7.57 -2.55
N ASP A 226 0.67 7.19 -2.98
CA ASP A 226 1.90 7.73 -2.42
C ASP A 226 2.68 8.50 -3.49
N HIS A 227 3.64 9.31 -3.06
CA HIS A 227 4.42 10.11 -4.01
C HIS A 227 5.13 9.18 -5.00
N LEU A 228 5.72 8.12 -4.47
CA LEU A 228 6.33 7.09 -5.30
C LEU A 228 5.86 5.70 -4.87
N ARG A 229 5.63 4.84 -5.84
CA ARG A 229 5.64 3.40 -5.61
C ARG A 229 6.69 2.77 -6.51
N ILE A 230 7.56 1.96 -5.91
CA ILE A 230 8.66 1.36 -6.66
C ILE A 230 8.38 -0.12 -6.82
N ILE A 231 8.32 -0.58 -8.05
CA ILE A 231 7.73 -1.87 -8.33
C ILE A 231 8.63 -2.74 -9.19
N SER A 232 8.76 -3.99 -8.79
CA SER A 232 9.40 -5.01 -9.60
C SER A 232 8.40 -6.15 -9.77
N MET A 233 8.28 -6.66 -11.00
CA MET A 233 7.34 -7.73 -11.28
C MET A 233 7.69 -8.43 -12.58
N GLN A 234 7.25 -9.69 -12.71
CA GLN A 234 7.38 -10.43 -13.95
C GLN A 234 6.49 -11.67 -13.92
N LYS A 235 6.26 -12.25 -15.10
CA LYS A 235 5.59 -13.54 -15.18
C LYS A 235 6.44 -14.60 -14.48
N GLY A 236 5.79 -15.68 -14.07
CA GLY A 236 6.48 -16.77 -13.39
C GLY A 236 6.67 -16.52 -11.90
N GLY A 237 7.46 -17.40 -11.27
CA GLY A 237 7.56 -17.44 -9.83
C GLY A 237 8.94 -17.14 -9.26
N ASP A 238 9.77 -16.45 -10.03
CA ASP A 238 11.13 -16.18 -9.57
C ASP A 238 11.16 -14.96 -8.66
N LEU A 239 10.80 -15.17 -7.40
CA LEU A 239 10.77 -14.12 -6.39
C LEU A 239 12.16 -13.55 -6.13
N LYS A 240 13.16 -14.43 -6.15
CA LYS A 240 14.55 -14.03 -5.92
C LYS A 240 15.00 -12.92 -6.86
N THR A 241 14.74 -13.10 -8.16
CA THR A 241 15.11 -12.09 -9.16
C THR A 241 14.33 -10.80 -8.95
N VAL A 242 13.03 -10.92 -8.73
CA VAL A 242 12.16 -9.76 -8.54
C VAL A 242 12.63 -8.94 -7.35
N TYR A 243 12.91 -9.62 -6.24
CA TYR A 243 13.29 -8.95 -5.00
C TYR A 243 14.64 -8.26 -5.19
N LYS A 244 15.57 -8.96 -5.85
CA LYS A 244 16.88 -8.40 -6.11
C LYS A 244 16.80 -7.12 -6.95
N ARG A 245 15.90 -7.12 -7.93
CA ARG A 245 15.72 -5.96 -8.79
C ARG A 245 15.11 -4.78 -8.04
N LEU A 246 14.14 -5.05 -7.18
CA LEU A 246 13.55 -4.02 -6.33
C LEU A 246 14.59 -3.36 -5.45
N VAL A 247 15.43 -4.18 -4.81
CA VAL A 247 16.48 -3.67 -3.94
C VAL A 247 17.39 -2.71 -4.70
N THR A 248 17.89 -3.17 -5.85
CA THR A 248 18.78 -2.36 -6.68
C THR A 248 18.15 -1.01 -6.97
N ALA A 249 16.87 -1.01 -7.34
CA ALA A 249 16.17 0.19 -7.73
C ALA A 249 16.05 1.15 -6.54
N VAL A 250 15.57 0.64 -5.42
CA VAL A 250 15.34 1.45 -4.24
C VAL A 250 16.63 2.06 -3.71
N ASP A 251 17.69 1.27 -3.68
CA ASP A 251 18.99 1.76 -3.21
C ASP A 251 19.49 2.90 -4.09
N ASN A 252 19.31 2.77 -5.40
CA ASN A 252 19.77 3.78 -6.34
C ASN A 252 18.94 5.06 -6.23
N ILE A 253 17.63 4.88 -6.13
CA ILE A 253 16.70 6.00 -5.98
C ILE A 253 16.87 6.75 -4.66
N GLU A 254 17.11 6.00 -3.58
CA GLU A 254 17.32 6.60 -2.28
C GLU A 254 18.55 7.49 -2.24
N SER A 255 19.56 7.14 -3.03
CA SER A 255 20.78 7.93 -3.08
C SER A 255 20.56 9.27 -3.79
N LYS A 256 19.44 9.40 -4.49
CA LYS A 256 19.20 10.57 -5.33
C LYS A 256 18.08 11.44 -4.76
N LEU A 257 17.08 10.80 -4.18
CA LEU A 257 15.92 11.52 -3.68
C LEU A 257 15.80 11.31 -2.17
N PRO A 258 15.51 12.41 -1.43
CA PRO A 258 15.35 12.35 0.02
C PRO A 258 13.94 11.88 0.37
N PHE A 259 13.83 10.78 1.11
CA PHE A 259 12.51 10.27 1.48
C PHE A 259 12.29 10.43 2.98
N SER A 260 11.03 10.57 3.37
CA SER A 260 10.67 10.79 4.76
C SER A 260 10.80 9.49 5.52
N HIS A 261 11.57 9.51 6.60
CA HIS A 261 11.75 8.33 7.44
C HIS A 261 11.61 8.68 8.90
N ASP A 262 10.99 7.77 9.67
CA ASP A 262 10.66 8.05 11.06
C ASP A 262 11.31 7.01 11.95
N ASP A 263 11.83 7.46 13.08
CA ASP A 263 12.51 6.57 14.03
C ASP A 263 11.61 5.43 14.48
N ARG A 264 10.33 5.69 14.61
CA ARG A 264 9.39 4.67 15.07
C ARG A 264 8.65 3.98 13.92
N PHE A 265 8.19 4.77 12.95
CA PHE A 265 7.30 4.24 11.92
C PHE A 265 8.03 3.89 10.63
N GLY A 266 9.35 4.03 10.62
CA GLY A 266 10.12 3.73 9.42
C GLY A 266 9.73 4.71 8.32
N PHE A 267 9.65 4.21 7.08
CA PHE A 267 9.30 5.06 5.96
C PHE A 267 7.82 5.44 6.02
N LEU A 268 7.53 6.72 5.84
CA LEU A 268 6.18 7.24 5.94
C LEU A 268 5.39 7.04 4.65
N THR A 269 4.10 6.75 4.79
CA THR A 269 3.21 6.55 3.66
C THR A 269 1.85 7.18 3.97
N PHE A 270 1.00 7.28 2.96
CA PHE A 270 -0.25 7.98 3.11
C PHE A 270 -1.22 7.15 3.96
N CYS A 271 -1.20 5.83 3.74
CA CYS A 271 -1.99 4.92 4.55
C CYS A 271 -1.11 4.27 5.62
N PRO A 272 -1.62 4.13 6.84
CA PRO A 272 -0.89 3.49 7.94
C PRO A 272 -0.58 2.01 7.70
N THR A 273 -1.30 1.37 6.79
CA THR A 273 -1.04 -0.03 6.46
C THR A 273 0.28 -0.21 5.71
N ASN A 274 0.79 0.90 5.19
CA ASN A 274 1.98 0.87 4.33
C ASN A 274 3.25 1.37 5.00
N LEU A 275 3.18 1.61 6.29
CA LEU A 275 4.33 2.12 7.03
C LEU A 275 5.42 1.08 7.09
N GLY A 276 6.60 1.49 7.58
CA GLY A 276 7.62 0.56 7.99
C GLY A 276 8.51 0.16 6.84
N THR A 277 8.35 -1.07 6.36
CA THR A 277 9.04 -1.53 5.17
C THR A 277 8.36 -0.99 3.93
N THR A 278 7.08 -0.63 4.07
CA THR A 278 6.26 -0.20 2.95
C THR A 278 6.11 -1.28 1.88
N MET A 279 6.47 -2.51 2.24
CA MET A 279 6.67 -3.57 1.27
C MET A 279 5.45 -4.48 1.14
N ARG A 280 5.02 -4.72 -0.09
CA ARG A 280 4.01 -5.72 -0.36
C ARG A 280 4.51 -6.69 -1.42
N ALA A 281 4.84 -7.90 -1.00
CA ALA A 281 5.30 -8.93 -1.92
C ALA A 281 4.14 -9.87 -2.17
N SER A 282 3.80 -10.07 -3.44
CA SER A 282 2.61 -10.82 -3.78
C SER A 282 2.86 -11.75 -4.97
N VAL A 283 2.03 -12.78 -5.08
CA VAL A 283 1.95 -13.60 -6.28
C VAL A 283 0.53 -13.58 -6.85
N HIS A 284 0.42 -13.75 -8.15
CA HIS A 284 -0.86 -14.15 -8.73
C HIS A 284 -0.83 -15.66 -8.86
N ILE A 285 -1.75 -16.32 -8.16
CA ILE A 285 -1.67 -17.75 -7.96
C ILE A 285 -3.02 -18.42 -8.08
N GLN A 286 -3.03 -19.65 -8.60
CA GLN A 286 -4.22 -20.47 -8.59
C GLN A 286 -4.08 -21.62 -7.61
N LEU A 287 -5.11 -21.81 -6.80
CA LEU A 287 -5.14 -22.85 -5.77
C LEU A 287 -6.56 -23.40 -5.74
N PRO A 288 -6.94 -24.15 -6.78
CA PRO A 288 -8.32 -24.57 -7.07
C PRO A 288 -8.99 -25.36 -5.95
N LYS A 289 -8.25 -26.22 -5.25
CA LYS A 289 -8.86 -27.00 -4.17
C LYS A 289 -9.16 -26.12 -2.95
N LEU A 290 -8.17 -25.31 -2.58
CA LEU A 290 -8.26 -24.38 -1.46
C LEU A 290 -9.14 -23.15 -1.71
N ALA A 291 -9.26 -22.77 -2.99
CA ALA A 291 -10.01 -21.58 -3.40
C ALA A 291 -11.50 -21.75 -3.68
N LYS A 292 -12.00 -22.98 -3.68
CA LYS A 292 -13.42 -23.24 -3.94
C LYS A 292 -14.39 -22.43 -3.06
N ASP A 293 -13.84 -21.56 -2.23
CA ASP A 293 -14.63 -20.55 -1.53
C ASP A 293 -13.67 -19.52 -0.98
N ARG A 294 -13.62 -18.34 -1.59
CA ARG A 294 -12.62 -17.34 -1.25
C ARG A 294 -12.64 -16.97 0.23
N LYS A 295 -13.75 -17.25 0.92
CA LYS A 295 -13.80 -16.93 2.34
C LYS A 295 -12.99 -17.94 3.15
N VAL A 296 -12.99 -19.18 2.68
CA VAL A 296 -12.13 -20.24 3.22
C VAL A 296 -10.65 -19.98 2.92
N LEU A 297 -10.38 -19.55 1.69
CA LEU A 297 -9.02 -19.24 1.26
C LEU A 297 -8.43 -18.17 2.17
N GLU A 298 -9.17 -17.09 2.35
CA GLU A 298 -8.71 -15.97 3.16
C GLU A 298 -8.45 -16.39 4.61
N ASP A 299 -9.22 -17.35 5.10
CA ASP A 299 -9.05 -17.83 6.46
C ASP A 299 -7.74 -18.61 6.58
N ILE A 300 -7.42 -19.37 5.53
CA ILE A 300 -6.18 -20.10 5.49
C ILE A 300 -4.99 -19.14 5.43
N ALA A 301 -5.10 -18.15 4.55
CA ALA A 301 -4.06 -17.13 4.36
C ALA A 301 -3.75 -16.33 5.61
N SER A 302 -4.80 -15.95 6.34
CA SER A 302 -4.65 -15.09 7.52
C SER A 302 -3.79 -15.73 8.61
N LYS A 303 -3.87 -17.05 8.74
CA LYS A 303 -3.13 -17.75 9.78
C LYS A 303 -1.64 -17.72 9.46
N PHE A 304 -1.34 -17.46 8.19
CA PHE A 304 0.04 -17.32 7.74
C PHE A 304 0.45 -15.85 7.61
N ASN A 305 -0.37 -14.97 8.16
CA ASN A 305 -0.13 -13.53 8.08
C ASN A 305 -0.10 -13.05 6.64
N LEU A 306 -0.94 -13.65 5.79
CA LEU A 306 -1.07 -13.24 4.40
C LEU A 306 -2.42 -12.59 4.13
N GLN A 307 -2.47 -11.75 3.10
CA GLN A 307 -3.70 -11.08 2.70
C GLN A 307 -4.12 -11.57 1.32
N VAL A 308 -5.42 -11.72 1.09
CA VAL A 308 -5.92 -12.13 -0.22
C VAL A 308 -6.60 -10.96 -0.92
N ARG A 309 -6.21 -10.72 -2.16
CA ARG A 309 -6.83 -9.69 -2.99
C ARG A 309 -7.26 -10.30 -4.32
N GLY A 310 -8.11 -9.58 -5.04
CA GLY A 310 -8.55 -10.03 -6.35
C GLY A 310 -7.48 -9.84 -7.42
N THR A 311 -7.78 -10.28 -8.63
CA THR A 311 -6.80 -10.28 -9.72
C THR A 311 -6.40 -8.87 -10.16
N ARG A 312 -7.34 -7.93 -10.06
CA ARG A 312 -7.07 -6.55 -10.46
C ARG A 312 -6.69 -5.67 -9.28
N GLY A 313 -6.44 -6.31 -8.13
CA GLY A 313 -5.97 -5.61 -6.95
C GLY A 313 -6.99 -5.67 -5.83
N GLU A 314 -6.74 -4.93 -4.76
CA GLU A 314 -7.68 -4.87 -3.65
C GLU A 314 -9.07 -4.46 -4.10
N HIS A 315 -10.09 -4.93 -3.39
CA HIS A 315 -11.48 -4.57 -3.65
C HIS A 315 -11.99 -5.10 -4.99
N THR A 316 -11.35 -6.15 -5.50
CA THR A 316 -11.81 -6.79 -6.73
C THR A 316 -11.94 -8.30 -6.55
N GLU A 317 -12.67 -8.93 -7.46
CA GLU A 317 -12.87 -10.38 -7.43
C GLU A 317 -11.74 -11.12 -8.12
N SER A 318 -11.57 -12.39 -7.78
CA SER A 318 -10.71 -13.27 -8.58
C SER A 318 -11.30 -13.53 -9.96
N GLU A 319 -10.42 -13.56 -10.96
CA GLU A 319 -10.81 -13.93 -12.31
C GLU A 319 -10.04 -15.17 -12.74
N GLY A 320 -10.78 -16.16 -13.26
CA GLY A 320 -10.17 -17.38 -13.76
C GLY A 320 -9.45 -18.15 -12.68
N GLY A 321 -9.94 -18.03 -11.45
CA GLY A 321 -9.34 -18.73 -10.32
C GLY A 321 -8.03 -18.14 -9.85
N VAL A 322 -7.73 -16.92 -10.29
CA VAL A 322 -6.45 -16.30 -9.96
C VAL A 322 -6.58 -15.31 -8.81
N TYR A 323 -5.88 -15.59 -7.72
CA TYR A 323 -5.87 -14.72 -6.55
C TYR A 323 -4.55 -13.99 -6.37
N ASP A 324 -4.62 -12.78 -5.81
CA ASP A 324 -3.42 -12.07 -5.38
C ASP A 324 -3.21 -12.32 -3.90
N ILE A 325 -2.12 -13.00 -3.57
CA ILE A 325 -1.81 -13.29 -2.17
C ILE A 325 -0.46 -12.69 -1.79
N SER A 326 -0.44 -11.98 -0.66
CA SER A 326 0.73 -11.20 -0.27
C SER A 326 0.86 -11.13 1.24
N ASN A 327 2.05 -10.75 1.70
CA ASN A 327 2.23 -10.41 3.11
C ASN A 327 1.35 -9.23 3.49
N LYS A 328 0.66 -9.36 4.61
CA LYS A 328 -0.17 -8.28 5.15
C LYS A 328 0.65 -7.27 5.95
N ARG A 329 1.63 -7.77 6.71
CA ARG A 329 2.37 -6.94 7.63
C ARG A 329 3.51 -6.22 6.91
N ARG A 330 3.72 -4.96 7.26
CA ARG A 330 4.78 -4.18 6.64
C ARG A 330 5.61 -3.46 7.70
N LEU A 331 5.01 -3.30 8.89
CA LEU A 331 5.65 -2.54 9.96
C LEU A 331 5.98 -3.44 11.15
N GLY A 332 7.13 -3.17 11.77
CA GLY A 332 7.59 -3.93 12.91
C GLY A 332 8.30 -5.22 12.51
N LEU A 333 8.71 -5.29 11.25
CA LEU A 333 9.54 -6.39 10.76
C LEU A 333 10.39 -5.84 9.63
N THR A 334 11.54 -6.47 9.39
CA THR A 334 12.42 -6.01 8.33
C THR A 334 11.86 -6.38 6.96
N GLU A 335 12.41 -5.75 5.92
CA GLU A 335 12.07 -6.10 4.54
C GLU A 335 12.24 -7.59 4.26
N TYR A 336 13.36 -8.15 4.70
CA TYR A 336 13.62 -9.57 4.51
C TYR A 336 12.55 -10.43 5.15
N GLN A 337 12.20 -10.11 6.39
CA GLN A 337 11.17 -10.87 7.11
C GLN A 337 9.81 -10.75 6.44
N ALA A 338 9.53 -9.58 5.88
CA ALA A 338 8.27 -9.35 5.17
C ALA A 338 8.19 -10.22 3.93
N VAL A 339 9.27 -10.22 3.14
CA VAL A 339 9.30 -11.01 1.90
C VAL A 339 9.34 -12.51 2.19
N ARG A 340 9.97 -12.88 3.29
CA ARG A 340 10.00 -14.28 3.72
C ARG A 340 8.63 -14.78 4.19
N GLU A 341 7.85 -13.91 4.80
CA GLU A 341 6.49 -14.26 5.21
C GLU A 341 5.62 -14.61 4.01
N MET A 342 5.78 -13.86 2.93
CA MET A 342 5.05 -14.17 1.71
C MET A 342 5.54 -15.50 1.16
N GLN A 343 6.86 -15.64 1.05
CA GLN A 343 7.46 -16.86 0.52
C GLN A 343 7.01 -18.07 1.35
N ASP A 344 7.18 -17.98 2.66
CA ASP A 344 6.95 -19.11 3.56
C ASP A 344 5.49 -19.52 3.54
N GLY A 345 4.61 -18.52 3.56
CA GLY A 345 3.18 -18.76 3.59
C GLY A 345 2.73 -19.40 2.28
N ILE A 346 3.26 -18.90 1.18
CA ILE A 346 2.89 -19.40 -0.14
C ILE A 346 3.41 -20.83 -0.33
N LEU A 347 4.60 -21.11 0.18
CA LEU A 347 5.15 -22.46 0.13
C LEU A 347 4.27 -23.44 0.89
N GLU A 348 3.76 -23.00 2.03
CA GLU A 348 2.91 -23.86 2.85
C GLU A 348 1.50 -24.01 2.29
N MET A 349 0.96 -22.95 1.71
CA MET A 349 -0.36 -23.02 1.09
C MET A 349 -0.33 -23.97 -0.10
N ILE A 350 0.78 -23.98 -0.82
CA ILE A 350 0.98 -24.90 -1.93
C ILE A 350 1.05 -26.34 -1.43
N LYS A 351 1.73 -26.53 -0.30
CA LYS A 351 1.80 -27.84 0.33
C LYS A 351 0.40 -28.34 0.67
N MET A 352 -0.41 -27.43 1.23
CA MET A 352 -1.78 -27.74 1.61
C MET A 352 -2.64 -28.06 0.39
N GLU A 353 -2.43 -27.31 -0.69
CA GLU A 353 -3.15 -27.53 -1.93
C GLU A 353 -2.92 -28.92 -2.51
N LYS A 354 -1.67 -29.37 -2.49
CA LYS A 354 -1.34 -30.71 -2.98
C LYS A 354 -1.99 -31.79 -2.12
N ALA A 355 -2.13 -31.52 -0.84
CA ALA A 355 -2.64 -32.50 0.11
C ALA A 355 -4.16 -32.49 0.17
N ALA A 356 -4.75 -31.41 -0.34
CA ALA A 356 -6.21 -31.25 -0.30
C ALA A 356 -6.92 -32.30 -1.14
N ALA A 357 -8.19 -32.54 -0.82
CA ALA A 357 -9.00 -33.51 -1.53
C ALA A 357 -9.34 -33.02 -2.94
PB ADP B . -0.42 -1.98 -4.40
O1B ADP B . -1.21 -0.77 -3.95
O2B ADP B . 0.37 -1.88 -5.68
O3B ADP B . 0.24 -2.68 -3.22
PA ADP B . -3.06 -3.05 -5.41
O1A ADP B . -3.75 -1.72 -5.36
O2A ADP B . -3.85 -4.33 -5.26
O3A ADP B . -1.53 -3.13 -5.19
O5' ADP B . -3.11 -3.15 -7.27
C5' ADP B . -2.17 -2.62 -8.05
C4' ADP B . -2.03 -3.45 -9.41
O4' ADP B . -1.01 -4.44 -9.26
C3' ADP B . -3.32 -4.22 -9.80
O3' ADP B . -3.71 -4.03 -11.13
C2' ADP B . -2.93 -5.73 -9.68
O2' ADP B . -3.36 -6.42 -10.81
C1' ADP B . -1.40 -5.64 -9.80
N9 ADP B . -0.67 -6.78 -9.12
C8 ADP B . -0.49 -6.91 -7.72
N7 ADP B . 0.19 -8.02 -7.37
C5 ADP B . 0.47 -8.65 -8.60
C6 ADP B . 1.15 -9.85 -8.91
N6 ADP B . 1.69 -10.65 -7.92
N1 ADP B . 1.30 -10.26 -10.22
C2 ADP B . 0.75 -9.43 -11.16
N3 ADP B . 0.07 -8.27 -11.02
C4 ADP B . -0.06 -7.89 -9.69
MG MG C . -3.14 0.11 -4.45
N NO3 D . -2.26 -0.80 -1.53
O1 NO3 D . -1.31 -0.04 -1.35
O2 NO3 D . -3.02 -0.67 -2.50
O3 NO3 D . -2.46 -1.72 -0.72
N DAR E . -9.29 2.80 2.39
CA DAR E . -8.69 1.72 3.19
CB DAR E . -7.39 1.25 2.49
CG DAR E . -6.89 -0.12 2.97
CD DAR E . -5.39 -0.24 2.63
NE DAR E . -5.15 -0.09 1.19
CZ DAR E . -4.30 0.90 0.65
NH1 DAR E . -3.68 1.75 1.57
NH2 DAR E . -4.03 1.10 -0.62
C DAR E . -9.69 0.53 3.29
O DAR E . -10.26 0.39 4.39
OXT DAR E . -9.87 -0.18 2.29
#